data_7VJP
#
_entry.id   7VJP
#
_cell.length_a   39.650
_cell.length_b   67.150
_cell.length_c   42.600
_cell.angle_alpha   90.000
_cell.angle_beta   106.920
_cell.angle_gamma   90.000
#
_symmetry.space_group_name_H-M   'P 1 21 1'
#
loop_
_entity.id
_entity.type
_entity.pdbx_description
1 polymer 'anti-CRISPR-associated protein Aca2'
2 non-polymer 'SULFATE ION'
3 water water
#
_entity_poly.entity_id   1
_entity_poly.type   'polypeptide(L)'
_entity_poly.pdbx_seq_one_letter_code
;GPLGS(MSE)TNKELQAIRKLL(MSE)LDVSEAAEHIGRVSARSWQYWESGRSAVPDDVEQE(MSE)LDLASVRIE
(MSE)(MSE)SAIDKRLADGERPKLRFYNKLDEYLADNPDHNVIGWRLSQSVAALYYTEGHADLI
;
_entity_poly.pdbx_strand_id   A,B
#
loop_
_chem_comp.id
_chem_comp.type
_chem_comp.name
_chem_comp.formula
SO4 non-polymer 'SULFATE ION' 'O4 S -2'
#
# COMPACT_ATOMS: atom_id res chain seq x y z
N LEU A 3 15.93 -15.85 11.55
CA LEU A 3 15.38 -14.62 12.12
C LEU A 3 16.46 -13.77 12.78
N GLY A 4 16.21 -12.47 12.87
CA GLY A 4 17.08 -11.54 13.54
C GLY A 4 17.75 -10.51 12.66
N SER A 5 17.53 -10.58 11.35
CA SER A 5 18.27 -9.75 10.40
C SER A 5 17.39 -8.71 9.71
N MSE A 6 16.10 -8.63 10.05
CA MSE A 6 15.23 -7.69 9.35
C MSE A 6 15.64 -6.26 9.67
O MSE A 6 15.89 -5.91 10.82
CB MSE A 6 13.76 -7.91 9.73
CG MSE A 6 12.80 -7.03 8.95
SE MSE A 6 10.90 -7.42 9.28
CE MSE A 6 10.70 -8.83 7.95
N THR A 7 15.71 -5.41 8.65
CA THR A 7 16.09 -4.03 8.88
C THR A 7 14.87 -3.16 9.11
N ASN A 8 15.15 -1.93 9.56
CA ASN A 8 14.07 -0.97 9.79
C ASN A 8 13.33 -0.66 8.50
N LYS A 9 14.06 -0.57 7.39
CA LYS A 9 13.43 -0.30 6.09
C LYS A 9 12.54 -1.47 5.66
N GLU A 10 13.01 -2.69 5.87
CA GLU A 10 12.20 -3.85 5.53
C GLU A 10 10.93 -3.90 6.37
N LEU A 11 11.05 -3.60 7.69
CA LEU A 11 9.88 -3.59 8.55
C LEU A 11 8.85 -2.56 8.08
N GLN A 12 9.31 -1.33 7.79
CA GLN A 12 8.40 -0.28 7.36
C GLN A 12 7.79 -0.62 6.00
N ALA A 13 8.60 -1.18 5.11
CA ALA A 13 8.09 -1.53 3.78
C ALA A 13 6.95 -2.54 3.88
N ILE A 14 7.13 -3.61 4.65
CA ILE A 14 6.08 -4.60 4.77
C ILE A 14 4.87 -3.99 5.46
N ARG A 15 5.10 -3.21 6.51
CA ARG A 15 3.98 -2.59 7.22
C ARG A 15 3.15 -1.72 6.28
N LYS A 16 3.82 -0.90 5.47
CA LYS A 16 3.08 -0.01 4.58
C LYS A 16 2.44 -0.78 3.42
N LEU A 17 3.06 -1.84 2.91
CA LEU A 17 2.42 -2.59 1.83
C LEU A 17 1.15 -3.27 2.31
N LEU A 18 1.16 -3.74 3.54
CA LEU A 18 -0.03 -4.31 4.15
C LEU A 18 -1.03 -3.24 4.58
N MSE A 19 -0.75 -1.96 4.32
CA MSE A 19 -1.63 -0.82 4.61
C MSE A 19 -1.91 -0.63 6.09
O MSE A 19 -2.95 -0.10 6.46
CB MSE A 19 -2.96 -0.93 3.84
CG MSE A 19 -2.74 -0.97 2.34
SE MSE A 19 -4.29 -0.69 1.31
CE MSE A 19 -3.44 -0.44 -0.47
N LEU A 20 -0.94 -1.02 6.93
CA LEU A 20 -1.08 -0.84 8.37
C LEU A 20 -0.59 0.54 8.80
N ASP A 21 -1.38 1.23 9.61
CA ASP A 21 -0.85 2.40 10.31
C ASP A 21 0.07 1.95 11.44
N VAL A 22 0.97 2.84 11.84
CA VAL A 22 1.87 2.52 12.94
C VAL A 22 1.08 2.15 14.19
N SER A 23 0.01 2.90 14.51
CA SER A 23 -0.74 2.63 15.73
C SER A 23 -1.36 1.24 15.69
N GLU A 24 -1.80 0.81 14.51
CA GLU A 24 -2.44 -0.50 14.37
C GLU A 24 -1.42 -1.62 14.51
N ALA A 25 -0.29 -1.49 13.82
CA ALA A 25 0.77 -2.50 13.93
C ALA A 25 1.30 -2.57 15.34
N ALA A 26 1.52 -1.40 15.96
CA ALA A 26 2.05 -1.38 17.32
C ALA A 26 1.13 -2.14 18.28
N GLU A 27 -0.17 -1.86 18.23
CA GLU A 27 -1.09 -2.47 19.18
C GLU A 27 -1.19 -3.98 18.97
N HIS A 28 -1.38 -4.41 17.73
CA HIS A 28 -1.80 -5.78 17.47
C HIS A 28 -0.65 -6.72 17.10
N ILE A 29 0.39 -6.20 16.46
CA ILE A 29 1.53 -7.04 16.10
C ILE A 29 2.63 -6.93 17.14
N GLY A 30 3.03 -5.71 17.47
CA GLY A 30 4.11 -5.55 18.41
C GLY A 30 3.70 -5.70 19.86
N ARG A 31 2.43 -5.42 20.18
CA ARG A 31 1.94 -5.32 21.55
C ARG A 31 2.80 -4.32 22.33
N VAL A 32 3.05 -3.19 21.67
CA VAL A 32 3.86 -2.10 22.21
C VAL A 32 3.20 -0.78 21.83
N SER A 33 3.73 0.31 22.38
CA SER A 33 3.27 1.63 21.99
C SER A 33 3.72 1.99 20.58
N ALA A 34 3.04 2.99 20.01
CA ALA A 34 3.50 3.53 18.72
C ALA A 34 4.93 4.01 18.81
N ARG A 35 5.31 4.65 19.92
CA ARG A 35 6.69 5.11 20.05
C ARG A 35 7.67 3.95 19.94
N SER A 36 7.35 2.81 20.58
CA SER A 36 8.24 1.65 20.48
C SER A 36 8.33 1.14 19.05
N TRP A 37 7.20 1.14 18.33
CA TRP A 37 7.24 0.68 16.94
C TRP A 37 8.06 1.62 16.09
N GLN A 38 7.92 2.94 16.32
CA GLN A 38 8.73 3.92 15.61
C GLN A 38 10.21 3.74 15.90
N TYR A 39 10.54 3.37 17.15
CA TYR A 39 11.91 3.01 17.47
C TYR A 39 12.43 1.87 16.59
N TRP A 40 11.62 0.82 16.39
CA TRP A 40 12.04 -0.28 15.53
C TRP A 40 12.20 0.16 14.07
N GLU A 41 11.37 1.10 13.61
CA GLU A 41 11.51 1.59 12.24
C GLU A 41 12.60 2.65 12.10
N SER A 42 13.24 3.06 13.19
CA SER A 42 14.23 4.15 13.16
C SER A 42 15.63 3.67 12.79
N GLY A 43 15.92 2.37 12.88
CA GLY A 43 17.23 1.88 12.54
C GLY A 43 18.22 1.84 13.67
N ARG A 44 17.91 2.45 14.82
CA ARG A 44 18.80 2.37 15.97
C ARG A 44 18.71 1.03 16.69
N SER A 45 17.88 0.12 16.21
CA SER A 45 17.53 -1.10 16.94
C SER A 45 17.42 -2.26 15.98
N ALA A 46 17.74 -3.45 16.48
CA ALA A 46 17.32 -4.66 15.79
C ALA A 46 15.80 -4.77 15.84
N VAL A 47 15.22 -5.36 14.81
CA VAL A 47 13.80 -5.70 14.84
C VAL A 47 13.64 -7.01 15.60
N PRO A 48 12.77 -7.08 16.61
CA PRO A 48 12.65 -8.32 17.40
C PRO A 48 12.27 -9.50 16.53
N ASP A 49 12.81 -10.67 16.90
CA ASP A 49 12.55 -11.87 16.12
C ASP A 49 11.06 -12.17 15.99
N ASP A 50 10.32 -12.02 17.10
CA ASP A 50 8.89 -12.34 17.08
C ASP A 50 8.12 -11.38 16.18
N VAL A 51 8.54 -10.12 16.13
CA VAL A 51 7.89 -9.16 15.25
C VAL A 51 8.21 -9.48 13.81
N GLU A 52 9.47 -9.78 13.52
CA GLU A 52 9.83 -10.20 12.16
C GLU A 52 8.99 -11.40 11.72
N GLN A 53 8.87 -12.41 12.59
CA GLN A 53 8.12 -13.61 12.21
C GLN A 53 6.67 -13.28 11.93
N GLU A 54 6.06 -12.44 12.76
CA GLU A 54 4.66 -12.09 12.55
C GLU A 54 4.46 -11.32 11.25
N MSE A 55 5.41 -10.44 10.90
CA MSE A 55 5.29 -9.68 9.66
C MSE A 55 5.41 -10.61 8.47
O MSE A 55 4.68 -10.47 7.48
CB MSE A 55 6.33 -8.57 9.58
CG MSE A 55 6.21 -7.52 10.67
SE MSE A 55 4.49 -6.63 10.68
CE MSE A 55 4.74 -5.42 9.19
N LEU A 56 6.34 -11.55 8.56
CA LEU A 56 6.49 -12.53 7.49
C LEU A 56 5.24 -13.40 7.37
N ASP A 57 4.64 -13.74 8.51
CA ASP A 57 3.42 -14.54 8.50
C ASP A 57 2.27 -13.75 7.86
N LEU A 58 2.15 -12.47 8.18
CA LEU A 58 1.08 -11.67 7.59
C LEU A 58 1.28 -11.50 6.09
N ALA A 59 2.53 -11.35 5.66
CA ALA A 59 2.79 -11.31 4.23
C ALA A 59 2.33 -12.61 3.58
N SER A 60 2.49 -13.74 4.29
CA SER A 60 2.04 -15.03 3.75
C SER A 60 0.53 -15.11 3.72
N VAL A 61 -0.14 -14.52 4.71
CA VAL A 61 -1.60 -14.47 4.68
C VAL A 61 -2.06 -13.69 3.47
N ARG A 62 -1.39 -12.58 3.17
CA ARG A 62 -1.72 -11.78 2.00
C ARG A 62 -1.57 -12.61 0.72
N ILE A 63 -0.49 -13.40 0.63
CA ILE A 63 -0.28 -14.24 -0.55
C ILE A 63 -1.39 -15.28 -0.67
N GLU A 64 -1.80 -15.87 0.45
CA GLU A 64 -2.86 -16.87 0.38
C GLU A 64 -4.19 -16.25 -0.04
N MSE A 65 -4.47 -15.02 0.39
CA MSE A 65 -5.68 -14.31 -0.05
C MSE A 65 -5.65 -14.08 -1.56
O MSE A 65 -6.65 -14.24 -2.25
CB MSE A 65 -5.84 -12.98 0.70
CG MSE A 65 -6.07 -13.18 2.16
SE MSE A 65 -5.80 -11.55 3.17
CE MSE A 65 -7.29 -10.52 2.43
N MSE A 66 -4.48 -13.71 -2.07
CA MSE A 66 -4.33 -13.50 -3.49
C MSE A 66 -4.52 -14.81 -4.26
O MSE A 66 -5.18 -14.83 -5.30
CB MSE A 66 -2.98 -12.86 -3.80
CG MSE A 66 -2.86 -11.51 -3.13
SE MSE A 66 -1.20 -10.57 -3.51
CE MSE A 66 0.13 -11.74 -2.78
N SER A 67 -3.97 -15.90 -3.74
CA SER A 67 -4.13 -17.21 -4.39
C SER A 67 -5.59 -17.64 -4.41
N ALA A 68 -6.34 -17.31 -3.37
CA ALA A 68 -7.76 -17.63 -3.35
C ALA A 68 -8.51 -16.88 -4.46
N ILE A 69 -8.13 -15.63 -4.71
CA ILE A 69 -8.76 -14.89 -5.82
C ILE A 69 -8.30 -15.47 -7.15
N ASP A 70 -7.02 -15.83 -7.25
CA ASP A 70 -6.52 -16.48 -8.46
C ASP A 70 -7.29 -17.74 -8.79
N LYS A 71 -7.67 -18.51 -7.76
CA LYS A 71 -8.46 -19.72 -8.00
C LYS A 71 -9.84 -19.38 -8.56
N ARG A 72 -10.46 -18.31 -8.05
CA ARG A 72 -11.74 -17.88 -8.58
C ARG A 72 -11.60 -17.42 -10.03
N LEU A 73 -10.54 -16.66 -10.32
CA LEU A 73 -10.28 -16.25 -11.69
C LEU A 73 -10.11 -17.45 -12.60
N ALA A 74 -9.36 -18.45 -12.14
CA ALA A 74 -9.14 -19.65 -12.94
C ALA A 74 -10.44 -20.42 -13.20
N ASP A 75 -11.39 -20.34 -12.26
CA ASP A 75 -12.70 -20.95 -12.39
C ASP A 75 -13.63 -20.18 -13.32
N GLY A 76 -13.19 -19.05 -13.85
CA GLY A 76 -13.98 -18.27 -14.79
C GLY A 76 -14.81 -17.17 -14.16
N GLU A 77 -14.62 -16.89 -12.88
CA GLU A 77 -15.34 -15.80 -12.24
C GLU A 77 -14.66 -14.47 -12.53
N ARG A 78 -15.46 -13.42 -12.69
CA ARG A 78 -14.96 -12.06 -12.62
C ARG A 78 -15.24 -11.53 -11.23
N PRO A 79 -14.30 -11.60 -10.29
CA PRO A 79 -14.61 -11.30 -8.89
C PRO A 79 -15.03 -9.84 -8.71
N LYS A 80 -16.06 -9.64 -7.90
CA LYS A 80 -16.42 -8.32 -7.41
C LYS A 80 -15.95 -8.26 -5.96
N LEU A 81 -14.77 -7.66 -5.75
CA LEU A 81 -14.16 -7.63 -4.43
C LEU A 81 -14.71 -6.43 -3.69
N ARG A 82 -15.16 -6.65 -2.46
CA ARG A 82 -15.65 -5.55 -1.64
C ARG A 82 -14.46 -4.78 -1.10
N PHE A 83 -14.36 -3.50 -1.47
CA PHE A 83 -13.37 -2.65 -0.86
C PHE A 83 -14.00 -1.97 0.35
N TYR A 84 -13.48 -2.28 1.53
CA TYR A 84 -14.09 -1.75 2.75
C TYR A 84 -13.42 -0.43 3.10
N ASN A 85 -14.10 0.68 2.80
CA ASN A 85 -13.57 1.96 3.26
C ASN A 85 -13.92 2.20 4.72
N LYS A 86 -14.74 1.35 5.34
CA LYS A 86 -15.15 1.49 6.73
C LYS A 86 -14.80 0.20 7.46
N LEU A 87 -14.00 0.33 8.52
CA LEU A 87 -13.60 -0.84 9.30
C LEU A 87 -14.80 -1.61 9.83
N ASP A 88 -15.83 -0.90 10.29
CA ASP A 88 -16.94 -1.59 10.92
C ASP A 88 -17.64 -2.53 9.96
N GLU A 89 -17.73 -2.15 8.69
CA GLU A 89 -18.39 -3.01 7.72
C GLU A 89 -17.58 -4.28 7.48
N TYR A 90 -16.26 -4.14 7.37
CA TYR A 90 -15.41 -5.31 7.24
C TYR A 90 -15.59 -6.25 8.43
N LEU A 91 -15.57 -5.69 9.64
CA LEU A 91 -15.70 -6.54 10.83
C LEU A 91 -17.04 -7.25 10.88
N ALA A 92 -18.12 -6.60 10.42
CA ALA A 92 -19.42 -7.26 10.38
C ALA A 92 -19.40 -8.44 9.42
N ASP A 93 -18.66 -8.32 8.31
CA ASP A 93 -18.59 -9.37 7.31
C ASP A 93 -17.57 -10.44 7.65
N ASN A 94 -16.69 -10.18 8.61
CA ASN A 94 -15.58 -11.06 8.96
C ASN A 94 -15.44 -11.06 10.47
N PRO A 95 -16.38 -11.67 11.19
CA PRO A 95 -16.45 -11.48 12.64
C PRO A 95 -15.34 -12.17 13.41
N ASP A 96 -14.48 -12.94 12.75
CA ASP A 96 -13.35 -13.54 13.43
C ASP A 96 -12.05 -12.78 13.16
N HIS A 97 -12.12 -11.64 12.50
CA HIS A 97 -10.94 -10.86 12.15
C HIS A 97 -10.94 -9.53 12.90
N ASN A 98 -9.82 -8.82 12.81
CA ASN A 98 -9.69 -7.51 13.45
C ASN A 98 -9.20 -6.47 12.44
N VAL A 99 -8.77 -5.32 12.95
CA VAL A 99 -8.32 -4.21 12.10
C VAL A 99 -7.16 -4.62 11.20
N ILE A 100 -6.32 -5.55 11.65
CA ILE A 100 -5.22 -5.99 10.79
C ILE A 100 -5.77 -6.72 9.57
N GLY A 101 -6.76 -7.57 9.78
CA GLY A 101 -7.38 -8.25 8.65
C GLY A 101 -8.05 -7.28 7.69
N TRP A 102 -8.67 -6.24 8.24
CA TRP A 102 -9.24 -5.18 7.41
C TRP A 102 -8.19 -4.60 6.46
N ARG A 103 -7.04 -4.19 6.99
CA ARG A 103 -6.04 -3.56 6.14
C ARG A 103 -5.52 -4.55 5.08
N LEU A 104 -5.32 -5.82 5.46
CA LEU A 104 -4.90 -6.82 4.47
C LEU A 104 -5.94 -6.93 3.36
N SER A 105 -7.23 -6.90 3.72
CA SER A 105 -8.27 -6.97 2.69
C SER A 105 -8.19 -5.77 1.74
N GLN A 106 -7.92 -4.58 2.28
CA GLN A 106 -7.79 -3.39 1.44
C GLN A 106 -6.59 -3.52 0.51
N SER A 107 -5.47 -4.04 1.03
N SER A 107 -5.47 -4.04 1.04
CA SER A 107 -4.28 -4.15 0.19
CA SER A 107 -4.25 -4.23 0.28
C SER A 107 -4.52 -5.09 -0.98
C SER A 107 -4.47 -5.13 -0.93
N VAL A 108 -5.22 -6.21 -0.74
CA VAL A 108 -5.45 -7.18 -1.80
C VAL A 108 -6.47 -6.65 -2.81
N ALA A 109 -7.58 -6.09 -2.34
CA ALA A 109 -8.58 -5.54 -3.24
C ALA A 109 -8.02 -4.41 -4.10
N ALA A 110 -7.25 -3.51 -3.49
CA ALA A 110 -6.69 -2.41 -4.26
C ALA A 110 -5.75 -2.92 -5.32
N LEU A 111 -4.96 -3.95 -5.00
CA LEU A 111 -4.02 -4.51 -5.97
C LEU A 111 -4.77 -5.11 -7.16
N TYR A 112 -5.74 -5.97 -6.89
CA TYR A 112 -6.44 -6.65 -7.98
C TYR A 112 -7.27 -5.66 -8.80
N TYR A 113 -7.77 -4.60 -8.18
CA TYR A 113 -8.51 -3.61 -8.95
C TYR A 113 -7.58 -2.88 -9.91
N THR A 114 -6.43 -2.41 -9.41
CA THR A 114 -5.53 -1.65 -10.28
C THR A 114 -4.85 -2.52 -11.32
N GLU A 115 -4.60 -3.79 -11.01
CA GLU A 115 -4.04 -4.68 -12.03
C GLU A 115 -5.07 -5.07 -13.08
N GLY A 116 -6.35 -4.76 -12.85
CA GLY A 116 -7.38 -5.03 -13.83
C GLY A 116 -7.95 -6.41 -13.78
N HIS A 117 -7.73 -7.14 -12.69
CA HIS A 117 -8.20 -8.52 -12.58
C HIS A 117 -9.56 -8.64 -11.92
N ALA A 118 -9.98 -7.63 -11.15
CA ALA A 118 -11.27 -7.68 -10.50
C ALA A 118 -11.86 -6.29 -10.45
N ASP A 119 -13.17 -6.24 -10.25
CA ASP A 119 -13.87 -4.99 -10.01
C ASP A 119 -14.06 -4.80 -8.51
N LEU A 120 -14.26 -3.54 -8.11
CA LEU A 120 -14.54 -3.20 -6.73
C LEU A 120 -16.02 -2.93 -6.54
N ILE A 121 -16.56 -3.40 -5.42
CA ILE A 121 -17.89 -2.98 -5.01
C ILE A 121 -17.84 -2.48 -3.56
N LEU B 3 -13.85 7.33 -18.39
CA LEU B 3 -13.86 8.47 -17.47
C LEU B 3 -15.29 8.87 -17.11
N GLY B 4 -15.47 9.34 -15.87
CA GLY B 4 -16.79 9.59 -15.34
C GLY B 4 -17.41 8.40 -14.64
N SER B 5 -16.66 7.32 -14.46
CA SER B 5 -17.18 6.15 -13.77
C SER B 5 -16.47 5.86 -12.46
N MSE B 6 -15.42 6.59 -12.09
CA MSE B 6 -14.69 6.24 -10.87
C MSE B 6 -15.56 6.46 -9.63
O MSE B 6 -16.16 7.53 -9.46
CB MSE B 6 -13.38 7.03 -10.72
CG MSE B 6 -12.58 6.60 -9.49
SE MSE B 6 -10.79 7.38 -9.42
CE MSE B 6 -9.99 6.37 -10.90
N THR B 7 -15.64 5.44 -8.78
CA THR B 7 -16.42 5.47 -7.55
C THR B 7 -15.57 5.94 -6.38
N ASN B 8 -16.23 6.24 -5.26
CA ASN B 8 -15.49 6.63 -4.06
C ASN B 8 -14.52 5.53 -3.62
N LYS B 9 -14.94 4.27 -3.75
CA LYS B 9 -14.09 3.17 -3.30
C LYS B 9 -12.86 3.02 -4.19
N GLU B 10 -13.05 3.14 -5.51
CA GLU B 10 -11.92 3.08 -6.44
C GLU B 10 -10.93 4.21 -6.18
N LEU B 11 -11.44 5.41 -5.87
CA LEU B 11 -10.55 6.51 -5.54
C LEU B 11 -9.71 6.18 -4.32
N GLN B 12 -10.35 5.71 -3.25
CA GLN B 12 -9.58 5.42 -2.05
C GLN B 12 -8.60 4.29 -2.29
N ALA B 13 -9.00 3.27 -3.04
CA ALA B 13 -8.13 2.14 -3.32
C ALA B 13 -6.85 2.59 -4.01
N ILE B 14 -6.97 3.44 -5.03
CA ILE B 14 -5.78 3.92 -5.75
C ILE B 14 -4.94 4.79 -4.83
N ARG B 15 -5.60 5.70 -4.09
CA ARG B 15 -4.91 6.60 -3.19
C ARG B 15 -4.05 5.82 -2.20
N LYS B 16 -4.61 4.76 -1.61
CA LYS B 16 -3.87 3.99 -0.63
C LYS B 16 -2.81 3.10 -1.28
N LEU B 17 -3.09 2.58 -2.47
CA LEU B 17 -2.08 1.74 -3.12
C LEU B 17 -0.83 2.55 -3.44
N LEU B 18 -1.01 3.82 -3.79
CA LEU B 18 0.11 4.72 -4.05
C LEU B 18 0.73 5.25 -2.77
N MSE B 19 0.24 4.81 -1.61
CA MSE B 19 0.75 5.16 -0.29
C MSE B 19 0.61 6.63 0.06
O MSE B 19 1.40 7.17 0.81
CB MSE B 19 2.22 4.74 -0.15
CG MSE B 19 2.36 3.23 -0.31
SE MSE B 19 4.01 2.55 0.42
CE MSE B 19 3.64 0.63 0.36
N LEU B 20 -0.44 7.25 -0.47
CA LEU B 20 -0.69 8.64 -0.13
C LEU B 20 -1.55 8.76 1.11
N ASP B 21 -1.19 9.70 1.99
CA ASP B 21 -2.11 10.11 3.03
C ASP B 21 -3.18 11.03 2.42
N VAL B 22 -4.34 11.09 3.08
CA VAL B 22 -5.40 11.98 2.58
C VAL B 22 -4.87 13.40 2.44
N SER B 23 -4.12 13.87 3.43
CA SER B 23 -3.67 15.25 3.39
C SER B 23 -2.74 15.49 2.20
N GLU B 24 -1.97 14.47 1.82
CA GLU B 24 -1.05 14.61 0.70
C GLU B 24 -1.80 14.61 -0.62
N ALA B 25 -2.74 13.68 -0.78
CA ALA B 25 -3.58 13.68 -1.99
C ALA B 25 -4.39 14.96 -2.09
N ALA B 26 -5.01 15.39 -0.97
CA ALA B 26 -5.81 16.61 -1.01
C ALA B 26 -4.96 17.81 -1.43
N GLU B 27 -3.75 17.93 -0.90
CA GLU B 27 -2.94 19.11 -1.20
C GLU B 27 -2.41 19.11 -2.64
N HIS B 28 -1.88 17.98 -3.10
CA HIS B 28 -1.11 17.99 -4.33
C HIS B 28 -1.87 17.47 -5.55
N ILE B 29 -2.93 16.72 -5.34
CA ILE B 29 -3.75 16.23 -6.42
C ILE B 29 -5.07 16.98 -6.51
N GLY B 30 -5.80 17.04 -5.39
CA GLY B 30 -7.08 17.76 -5.40
C GLY B 30 -6.96 19.26 -5.31
N ARG B 31 -5.91 19.77 -4.66
CA ARG B 31 -5.80 21.19 -4.31
C ARG B 31 -7.04 21.65 -3.55
N VAL B 32 -7.55 20.75 -2.71
CA VAL B 32 -8.71 21.01 -1.87
C VAL B 32 -8.31 20.73 -0.42
N SER B 33 -9.19 21.12 0.50
CA SER B 33 -9.01 20.75 1.89
C SER B 33 -9.08 19.23 2.04
N ALA B 34 -8.44 18.72 3.10
CA ALA B 34 -8.54 17.28 3.37
C ALA B 34 -9.99 16.85 3.59
N ARG B 35 -10.81 17.71 4.20
CA ARG B 35 -12.21 17.36 4.39
C ARG B 35 -12.92 17.19 3.05
N SER B 36 -12.59 18.03 2.07
CA SER B 36 -13.18 17.87 0.73
C SER B 36 -12.77 16.53 0.11
N TRP B 37 -11.50 16.15 0.26
CA TRP B 37 -11.07 14.86 -0.28
C TRP B 37 -11.79 13.71 0.42
N GLN B 38 -11.98 13.82 1.73
CA GLN B 38 -12.70 12.79 2.46
C GLN B 38 -14.13 12.64 1.93
N TYR B 39 -14.76 13.74 1.50
CA TYR B 39 -16.10 13.65 0.95
C TYR B 39 -16.12 12.86 -0.35
N TRP B 40 -15.08 13.00 -1.16
CA TRP B 40 -14.98 12.20 -2.39
C TRP B 40 -14.80 10.73 -2.07
N GLU B 41 -14.04 10.42 -1.02
CA GLU B 41 -13.85 9.02 -0.67
C GLU B 41 -15.03 8.45 0.09
N SER B 42 -15.84 9.28 0.73
CA SER B 42 -16.97 8.74 1.47
C SER B 42 -18.19 8.48 0.60
N GLY B 43 -18.22 9.04 -0.62
CA GLY B 43 -19.41 8.97 -1.44
C GLY B 43 -20.41 10.07 -1.18
N ARG B 44 -20.09 11.01 -0.27
CA ARG B 44 -20.97 12.15 -0.04
C ARG B 44 -20.96 13.10 -1.22
N SER B 45 -19.88 13.13 -1.99
CA SER B 45 -19.78 13.93 -3.21
C SER B 45 -19.13 13.09 -4.29
N ALA B 46 -19.57 13.31 -5.54
CA ALA B 46 -19.06 12.51 -6.64
C ALA B 46 -17.60 12.80 -6.88
N VAL B 47 -16.87 11.77 -7.29
CA VAL B 47 -15.46 11.92 -7.67
C VAL B 47 -15.39 12.77 -8.93
N PRO B 48 -14.69 13.90 -8.93
CA PRO B 48 -14.62 14.75 -10.12
C PRO B 48 -13.83 14.13 -11.26
N ASP B 49 -14.23 14.48 -12.48
CA ASP B 49 -13.56 13.97 -13.68
C ASP B 49 -12.08 14.31 -13.69
N ASP B 50 -11.72 15.54 -13.29
CA ASP B 50 -10.32 15.91 -13.37
C ASP B 50 -9.48 15.18 -12.33
N VAL B 51 -10.03 14.96 -11.13
CA VAL B 51 -9.33 14.19 -10.11
C VAL B 51 -9.16 12.75 -10.56
N GLU B 52 -10.21 12.15 -11.13
CA GLU B 52 -10.15 10.78 -11.65
C GLU B 52 -8.99 10.64 -12.63
N GLN B 53 -8.90 11.56 -13.58
CA GLN B 53 -7.84 11.45 -14.58
C GLN B 53 -6.47 11.68 -13.96
N GLU B 54 -6.38 12.59 -12.98
CA GLU B 54 -5.10 12.83 -12.32
C GLU B 54 -4.63 11.59 -11.57
N MSE B 55 -5.56 10.86 -10.97
CA MSE B 55 -5.23 9.65 -10.23
C MSE B 55 -4.80 8.54 -11.16
O MSE B 55 -3.86 7.80 -10.87
CB MSE B 55 -6.41 9.20 -9.37
CG MSE B 55 -6.71 10.12 -8.21
SE MSE B 55 -5.22 10.37 -7.02
CE MSE B 55 -5.22 8.63 -6.22
N LEU B 56 -5.51 8.40 -12.29
CA LEU B 56 -5.11 7.42 -13.30
C LEU B 56 -3.73 7.75 -13.86
N ASP B 57 -3.44 9.04 -14.10
CA ASP B 57 -2.14 9.44 -14.59
C ASP B 57 -1.04 9.09 -13.59
N LEU B 58 -1.29 9.32 -12.31
CA LEU B 58 -0.31 8.98 -11.29
C LEU B 58 -0.12 7.47 -11.19
N ALA B 59 -1.21 6.72 -11.31
CA ALA B 59 -1.10 5.26 -11.36
C ALA B 59 -0.27 4.82 -12.54
N SER B 60 -0.39 5.53 -13.66
CA SER B 60 0.40 5.20 -14.84
C SER B 60 1.88 5.45 -14.61
N VAL B 61 2.21 6.50 -13.85
CA VAL B 61 3.60 6.77 -13.48
C VAL B 61 4.17 5.59 -12.70
N ARG B 62 3.40 5.09 -11.72
CA ARG B 62 3.83 3.92 -10.95
C ARG B 62 4.01 2.70 -11.85
N ILE B 63 3.13 2.53 -12.83
CA ILE B 63 3.26 1.40 -13.75
C ILE B 63 4.56 1.50 -14.53
N GLU B 64 4.92 2.71 -14.97
CA GLU B 64 6.17 2.87 -15.71
C GLU B 64 7.37 2.55 -14.82
N MSE B 65 7.27 2.88 -13.54
CA MSE B 65 8.35 2.58 -12.59
C MSE B 65 8.52 1.08 -12.40
O MSE B 65 9.64 0.58 -12.34
CB MSE B 65 8.08 3.25 -11.26
CG MSE B 65 8.14 4.78 -11.33
SE MSE B 65 7.38 5.64 -9.77
CE MSE B 65 8.66 5.04 -8.45
N MSE B 66 7.40 0.37 -12.30
CA MSE B 66 7.42 -1.07 -12.14
C MSE B 66 7.92 -1.75 -13.40
O MSE B 66 8.67 -2.73 -13.30
CB MSE B 66 6.03 -1.56 -11.78
CG MSE B 66 5.56 -1.02 -10.45
SE MSE B 66 3.88 -1.79 -9.89
CE MSE B 66 2.76 -1.22 -11.36
N SER B 67 7.52 -1.23 -14.56
CA SER B 67 8.03 -1.81 -15.80
C SER B 67 9.54 -1.68 -15.92
N ALA B 68 10.11 -0.57 -15.43
CA ALA B 68 11.56 -0.38 -15.47
C ALA B 68 12.26 -1.42 -14.60
N ILE B 69 11.68 -1.72 -13.44
CA ILE B 69 12.27 -2.75 -12.58
C ILE B 69 12.09 -4.12 -13.21
N ASP B 70 10.94 -4.38 -13.82
CA ASP B 70 10.73 -5.66 -14.51
C ASP B 70 11.78 -5.87 -15.59
N LYS B 71 12.18 -4.80 -16.27
CA LYS B 71 13.21 -4.93 -17.29
C LYS B 71 14.53 -5.36 -16.67
N ARG B 72 14.91 -4.73 -15.55
CA ARG B 72 16.13 -5.11 -14.85
C ARG B 72 16.06 -6.57 -14.40
N LEU B 73 14.90 -7.01 -13.92
CA LEU B 73 14.74 -8.40 -13.52
C LEU B 73 14.92 -9.35 -14.69
N ALA B 74 14.27 -9.06 -15.81
CA ALA B 74 14.42 -9.91 -16.98
C ALA B 74 15.87 -9.94 -17.46
N ASP B 75 16.62 -8.84 -17.27
CA ASP B 75 18.03 -8.75 -17.62
C ASP B 75 18.93 -9.43 -16.60
N GLY B 76 18.36 -10.09 -15.61
CA GLY B 76 19.12 -10.91 -14.68
C GLY B 76 19.60 -10.20 -13.44
N GLU B 77 19.24 -8.95 -13.25
CA GLU B 77 19.64 -8.22 -12.05
C GLU B 77 18.67 -8.54 -10.91
N ARG B 78 19.22 -8.79 -9.71
CA ARG B 78 18.38 -8.72 -8.52
C ARG B 78 18.48 -7.29 -7.99
N PRO B 79 17.48 -6.45 -8.21
CA PRO B 79 17.66 -5.03 -7.93
C PRO B 79 17.83 -4.77 -6.44
N LYS B 80 18.69 -3.82 -6.12
CA LYS B 80 18.75 -3.23 -4.79
C LYS B 80 18.00 -1.90 -4.88
N LEU B 81 16.80 -1.85 -4.31
CA LEU B 81 15.93 -0.71 -4.45
C LEU B 81 16.03 0.16 -3.21
N ARG B 82 16.16 1.47 -3.40
CA ARG B 82 16.19 2.37 -2.27
C ARG B 82 14.79 2.47 -1.69
N PHE B 83 14.63 2.09 -0.43
CA PHE B 83 13.42 2.39 0.31
C PHE B 83 13.71 3.61 1.17
N TYR B 84 13.12 4.75 0.80
CA TYR B 84 13.37 5.98 1.51
C TYR B 84 12.41 6.08 2.68
N ASN B 85 12.90 5.77 3.87
CA ASN B 85 12.09 6.03 5.05
C ASN B 85 12.08 7.50 5.41
N LYS B 86 13.01 8.27 4.84
CA LYS B 86 13.15 9.70 5.11
C LYS B 86 12.85 10.49 3.85
N LEU B 87 11.88 11.40 3.93
CA LEU B 87 11.55 12.23 2.78
C LEU B 87 12.72 13.11 2.35
N ASP B 88 13.47 13.65 3.32
CA ASP B 88 14.63 14.48 2.95
C ASP B 88 15.63 13.71 2.11
N GLU B 89 15.87 12.44 2.45
CA GLU B 89 16.83 11.65 1.68
C GLU B 89 16.31 11.38 0.27
N TYR B 90 15.02 11.10 0.13
CA TYR B 90 14.45 10.93 -1.20
C TYR B 90 14.61 12.21 -2.02
N LEU B 91 14.34 13.37 -1.40
CA LEU B 91 14.36 14.62 -2.16
C LEU B 91 15.78 15.00 -2.58
N ALA B 92 16.77 14.65 -1.76
CA ALA B 92 18.16 14.90 -2.13
C ALA B 92 18.57 14.09 -3.35
N ASP B 93 18.10 12.84 -3.44
CA ASP B 93 18.43 11.96 -4.56
C ASP B 93 17.57 12.22 -5.79
N ASN B 94 16.42 12.86 -5.62
CA ASN B 94 15.45 13.06 -6.69
C ASN B 94 15.02 14.51 -6.66
N PRO B 95 15.89 15.43 -7.07
CA PRO B 95 15.65 16.85 -6.82
C PRO B 95 14.50 17.45 -7.63
N ASP B 96 13.97 16.74 -8.62
CA ASP B 96 12.84 17.23 -9.40
C ASP B 96 11.51 16.63 -8.98
N HIS B 97 11.47 15.91 -7.88
CA HIS B 97 10.23 15.30 -7.40
C HIS B 97 9.83 15.90 -6.07
N ASN B 98 8.61 15.56 -5.63
CA ASN B 98 8.08 16.03 -4.35
C ASN B 98 7.58 14.88 -3.48
N VAL B 99 6.79 15.23 -2.47
CA VAL B 99 6.28 14.25 -1.51
C VAL B 99 5.46 13.16 -2.20
N ILE B 100 4.79 13.49 -3.29
CA ILE B 100 4.01 12.48 -4.00
C ILE B 100 4.93 11.49 -4.70
N GLY B 101 6.02 11.98 -5.29
CA GLY B 101 6.99 11.06 -5.87
C GLY B 101 7.60 10.16 -4.81
N TRP B 102 7.82 10.70 -3.61
CA TRP B 102 8.35 9.92 -2.51
C TRP B 102 7.44 8.73 -2.21
N ARG B 103 6.14 8.98 -2.09
CA ARG B 103 5.20 7.89 -1.81
C ARG B 103 5.18 6.85 -2.93
N LEU B 104 5.21 7.31 -4.19
CA LEU B 104 5.22 6.34 -5.28
C LEU B 104 6.47 5.47 -5.22
N SER B 105 7.62 6.07 -4.87
N SER B 105 7.61 6.09 -4.89
CA SER B 105 8.84 5.27 -4.78
CA SER B 105 8.86 5.35 -4.74
C SER B 105 8.75 4.25 -3.65
C SER B 105 8.72 4.28 -3.67
N GLN B 106 8.13 4.64 -2.53
CA GLN B 106 7.93 3.67 -1.45
C GLN B 106 7.02 2.55 -1.88
N SER B 107 5.96 2.87 -2.62
N SER B 107 5.97 2.89 -2.63
CA SER B 107 5.00 1.84 -2.98
CA SER B 107 4.96 1.94 -3.06
C SER B 107 5.65 0.80 -3.87
C SER B 107 5.58 0.84 -3.92
N VAL B 108 6.49 1.23 -4.82
CA VAL B 108 7.11 0.30 -5.73
C VAL B 108 8.18 -0.53 -5.03
N ALA B 109 9.04 0.11 -4.23
CA ALA B 109 10.08 -0.65 -3.53
C ALA B 109 9.46 -1.66 -2.57
N ALA B 110 8.41 -1.26 -1.85
CA ALA B 110 7.82 -2.17 -0.87
C ALA B 110 7.20 -3.37 -1.56
N LEU B 111 6.60 -3.15 -2.72
CA LEU B 111 5.97 -4.25 -3.44
C LEU B 111 6.99 -5.29 -3.86
N TYR B 112 8.07 -4.86 -4.52
CA TYR B 112 9.06 -5.83 -4.99
C TYR B 112 9.81 -6.51 -3.86
N TYR B 113 10.07 -5.79 -2.76
CA TYR B 113 10.71 -6.44 -1.62
C TYR B 113 9.79 -7.49 -1.01
N THR B 114 8.55 -7.12 -0.69
CA THR B 114 7.69 -8.01 0.08
C THR B 114 7.34 -9.26 -0.71
N GLU B 115 7.32 -9.17 -2.03
CA GLU B 115 7.04 -10.33 -2.86
C GLU B 115 8.29 -11.09 -3.28
N GLY B 116 9.46 -10.74 -2.75
CA GLY B 116 10.64 -11.58 -2.83
C GLY B 116 11.55 -11.33 -4.02
N HIS B 117 11.32 -10.25 -4.76
CA HIS B 117 12.01 -10.00 -6.03
C HIS B 117 13.16 -9.02 -5.92
N ALA B 118 13.28 -8.28 -4.82
CA ALA B 118 14.29 -7.23 -4.75
C ALA B 118 14.77 -7.07 -3.31
N ASP B 119 15.98 -6.55 -3.18
CA ASP B 119 16.52 -6.16 -1.88
C ASP B 119 16.26 -4.68 -1.63
N LEU B 120 16.19 -4.31 -0.36
CA LEU B 120 16.00 -2.91 0.01
C LEU B 120 17.28 -2.32 0.58
N ILE B 121 17.60 -1.11 0.13
CA ILE B 121 18.78 -0.40 0.63
C ILE B 121 18.42 1.03 1.05
S SO4 C . 4.30 6.16 7.80
O1 SO4 C . 5.23 5.61 8.79
O2 SO4 C . 4.95 6.14 6.49
O3 SO4 C . 3.97 7.54 8.17
O4 SO4 C . 3.07 5.37 7.77
S SO4 D . -6.84 5.81 5.59
O1 SO4 D . -7.27 4.47 5.17
O2 SO4 D . -5.57 6.16 4.97
O3 SO4 D . -7.86 6.76 5.19
O4 SO4 D . -6.70 5.80 7.04
#